data_2OC2
#
_entry.id   2OC2
#
_cell.length_a   56.514
_cell.length_b   84.763
_cell.length_c   133.483
_cell.angle_alpha   90.000
_cell.angle_beta   90.000
_cell.angle_gamma   90.000
#
_symmetry.space_group_name_H-M   'P 21 21 21'
#
loop_
_entity.id
_entity.type
_entity.pdbx_description
1 polymer 'Angiotensin-converting enzyme, somatic isoform'
2 non-polymer 'ZINC ION'
3 non-polymer 'CHLORIDE ION'
4 non-polymer 'N-({(1S,2R)-2-[(S)-[(1R)-1-{[(BENZYLOXY)CARBONYL]AMINO}-2-PHENYLETHYL](HYDROXY)PHOSPHORYL]CYCLOPENTYL}CARBONYL)-L-TRYPT OPHAN'
5 water water
#
_entity_poly.entity_id   1
_entity_poly.type   'polypeptide(L)'
_entity_poly.pdbx_seq_one_letter_code
;LVTDEAEASKFVEEYDRTSQVVWNEYAEANWNYNTNITTETSKILLQKNMQIANHTLKYGTQARKFDVNQLQNTTIKRII
KKVQDLERAALPAQELEEYNKILLDMETTYSVATVCHPNGSCLQLEPDLTNVMATSRKYEDLLWAWEGWRDKAGRAILQF
YPKYVELINQAARLNGYVDAGDSWRSMYETPSLEQDLERLFQELQPLYLNLHAYVRRALHRHYGAQHINLEGPIPAHLLG
NMWAQTWSNIYDLVVPFPSAPSMDTTEAMLKQGWTPRRMFKEADDFFTSLGLLPVPPEFWNKSMLEKPTDGREVVCHASA
WDFYNGKDFRIKQCTTVNLEDLVVAHHEMGHIQYFMQYKDLPVALREGANPGFHEAIGDVLALSVSTPKHLHSLNLLSSE
GGSDEHDINFLMKMALDKIAFIPFSYLVDQWRWRVFDGSITKENYNQEWWSLRLKYQGLCPPVPRTQGDFDPGAKFHIPS
SVPYIRYFVSFIIQFQFHEALCQAAGHTGPLHKCDIYQSKEAGQRLATAMKLGFSRPWPEAMQLITGQPNMSASAMLSYF
KPLLDWLRTENELHGEKLGWPQYNWTPNSAR
;
_entity_poly.pdbx_strand_id   A
#
# COMPACT_ATOMS: atom_id res chain seq x y z
N ASP A 4 39.24 10.31 12.55
CA ASP A 4 38.12 10.29 11.58
C ASP A 4 37.51 8.90 11.35
N GLU A 5 38.30 8.00 10.76
CA GLU A 5 37.81 6.71 10.27
C GLU A 5 37.49 5.68 11.35
N ALA A 6 38.32 5.62 12.38
CA ALA A 6 38.13 4.68 13.49
C ALA A 6 36.99 5.08 14.42
N GLU A 7 36.81 6.39 14.61
CA GLU A 7 35.70 6.94 15.39
C GLU A 7 34.34 6.70 14.71
N ALA A 8 34.33 6.80 13.38
CA ALA A 8 33.15 6.55 12.56
C ALA A 8 32.67 5.10 12.63
N SER A 9 33.63 4.17 12.70
CA SER A 9 33.34 2.75 12.87
C SER A 9 32.77 2.43 14.26
N LYS A 10 33.33 3.08 15.29
CA LYS A 10 32.87 2.89 16.66
C LYS A 10 31.48 3.50 16.86
N PHE A 11 31.27 4.69 16.27
CA PHE A 11 29.98 5.35 16.33
C PHE A 11 28.86 4.49 15.74
N VAL A 12 29.09 3.97 14.54
CA VAL A 12 28.17 3.05 13.85
C VAL A 12 27.78 1.86 14.74
N GLU A 13 28.78 1.19 15.32
CA GLU A 13 28.54 0.08 16.23
C GLU A 13 27.71 0.48 17.45
N GLU A 14 28.09 1.58 18.10
CA GLU A 14 27.39 2.09 19.28
C GLU A 14 25.95 2.45 18.95
N TYR A 15 25.76 3.18 17.86
CA TYR A 15 24.42 3.52 17.38
C TYR A 15 23.58 2.27 17.14
N ASP A 16 24.17 1.27 16.48
CA ASP A 16 23.42 0.08 16.11
C ASP A 16 22.92 -0.71 17.32
N ARG A 17 23.81 -1.01 18.26
CA ARG A 17 23.43 -1.80 19.44
C ARG A 17 22.43 -1.09 20.36
N THR A 18 22.56 0.22 20.50
CA THR A 18 21.66 1.04 21.33
C THR A 18 20.28 1.26 20.69
N SER A 19 20.27 1.45 19.37
CA SER A 19 19.02 1.55 18.60
C SER A 19 18.21 0.26 18.69
N GLN A 20 18.89 -0.88 18.68
CA GLN A 20 18.23 -2.18 18.78
C GLN A 20 17.36 -2.27 20.04
N VAL A 21 17.91 -1.79 21.15
CA VAL A 21 17.23 -1.74 22.45
C VAL A 21 16.09 -0.71 22.46
N VAL A 22 16.40 0.52 22.08
CA VAL A 22 15.44 1.64 22.07
C VAL A 22 14.27 1.41 21.10
N TRP A 23 14.55 0.84 19.93
CA TRP A 23 13.54 0.61 18.89
C TRP A 23 12.70 -0.60 19.22
N ASN A 24 13.33 -1.61 19.80
CA ASN A 24 12.61 -2.78 20.33
C ASN A 24 11.61 -2.41 21.40
N GLU A 25 12.01 -1.50 22.30
CA GLU A 25 11.12 -1.05 23.37
C GLU A 25 9.99 -0.17 22.83
N TYR A 26 10.27 0.56 21.75
CA TYR A 26 9.26 1.38 21.11
C TYR A 26 8.25 0.53 20.34
N ALA A 27 8.76 -0.50 19.67
CA ALA A 27 7.94 -1.37 18.83
C ALA A 27 6.76 -1.99 19.59
N GLU A 28 7.01 -2.48 20.81
CA GLU A 28 5.99 -3.13 21.64
C GLU A 28 4.99 -2.14 22.25
N ALA A 29 5.47 -0.98 22.69
CA ALA A 29 4.59 0.06 23.19
C ALA A 29 3.61 0.49 22.09
N ASN A 30 4.16 0.66 20.88
CA ASN A 30 3.38 0.95 19.67
C ASN A 30 2.43 -0.18 19.30
N TRP A 31 2.89 -1.42 19.51
CA TRP A 31 2.06 -2.59 19.27
C TRP A 31 0.86 -2.61 20.22
N ASN A 32 1.09 -2.28 21.50
CA ASN A 32 0.05 -2.27 22.52
C ASN A 32 -1.04 -1.25 22.26
N TYR A 33 -0.65 -0.07 21.77
CA TYR A 33 -1.62 0.93 21.31
C TYR A 33 -2.45 0.42 20.12
N ASN A 34 -1.77 -0.12 19.11
CA ASN A 34 -2.40 -0.63 17.87
C ASN A 34 -3.39 -1.78 18.09
N THR A 35 -3.08 -2.66 19.03
CA THR A 35 -3.88 -3.85 19.27
C THR A 35 -4.87 -3.64 20.41
N ASN A 36 -4.88 -2.43 20.96
CA ASN A 36 -5.81 -2.08 22.01
C ASN A 36 -5.82 -0.57 22.30
N ILE A 37 -6.45 0.19 21.42
CA ILE A 37 -6.50 1.64 21.56
C ILE A 37 -7.19 2.04 22.86
N THR A 38 -6.39 2.41 23.85
CA THR A 38 -6.91 3.02 25.07
C THR A 38 -6.17 4.30 25.41
N THR A 39 -6.62 4.98 26.47
CA THR A 39 -5.95 6.19 26.94
C THR A 39 -4.61 5.87 27.60
N GLU A 40 -4.53 4.68 28.23
CA GLU A 40 -3.30 4.23 28.88
C GLU A 40 -2.21 3.90 27.86
N THR A 41 -2.53 3.04 26.88
CA THR A 41 -1.57 2.67 25.84
C THR A 41 -1.19 3.87 24.95
N SER A 42 -2.13 4.81 24.79
CA SER A 42 -1.84 6.08 24.10
C SER A 42 -0.81 6.90 24.86
N LYS A 43 -0.98 6.99 26.18
CA LYS A 43 -0.05 7.72 27.06
C LYS A 43 1.36 7.12 27.04
N ILE A 44 1.43 5.80 27.25
CA ILE A 44 2.69 5.05 27.28
C ILE A 44 3.46 5.18 25.96
N LEU A 45 2.74 5.16 24.84
CA LEU A 45 3.37 5.36 23.53
C LEU A 45 3.95 6.77 23.36
N LEU A 46 3.17 7.79 23.71
CA LEU A 46 3.63 9.18 23.63
C LEU A 46 4.88 9.41 24.50
N GLN A 47 4.98 8.63 25.58
CA GLN A 47 6.15 8.64 26.46
C GLN A 47 7.32 7.88 25.82
N LYS A 48 7.03 6.77 25.15
CA LYS A 48 8.06 6.00 24.44
C LYS A 48 8.52 6.70 23.17
N ASN A 49 7.68 7.61 22.65
CA ASN A 49 8.07 8.52 21.59
C ASN A 49 9.20 9.44 22.06
N MET A 50 9.12 9.85 23.32
CA MET A 50 10.09 10.76 23.93
C MET A 50 11.45 10.11 24.20
N GLN A 51 11.46 8.81 24.52
CA GLN A 51 12.69 8.06 24.72
C GLN A 51 13.43 7.84 23.39
N ILE A 52 12.68 7.46 22.36
CA ILE A 52 13.26 7.24 21.03
C ILE A 52 13.76 8.57 20.43
N ALA A 53 13.04 9.67 20.74
CA ALA A 53 13.44 11.01 20.35
C ALA A 53 14.78 11.41 20.98
N ASN A 54 14.94 11.02 22.26
CA ASN A 54 16.19 11.24 22.98
C ASN A 54 17.38 10.50 22.38
N HIS A 55 17.16 9.25 22.01
CA HIS A 55 18.15 8.45 21.30
C HIS A 55 18.54 9.09 19.96
N THR A 56 17.53 9.44 19.16
CA THR A 56 17.71 10.00 17.82
C THR A 56 18.46 11.33 17.89
N LEU A 57 18.14 12.13 18.90
CA LEU A 57 18.79 13.43 19.12
C LEU A 57 20.25 13.27 19.55
N LYS A 58 20.50 12.39 20.52
CA LYS A 58 21.86 12.13 20.99
C LYS A 58 22.79 11.72 19.85
N TYR A 59 22.38 10.68 19.12
CA TYR A 59 23.19 10.11 18.07
C TYR A 59 23.16 10.92 16.78
N GLY A 60 22.03 11.56 16.49
CA GLY A 60 21.91 12.44 15.35
C GLY A 60 22.76 13.70 15.45
N THR A 61 22.83 14.28 16.64
CA THR A 61 23.69 15.44 16.89
C THR A 61 25.17 15.07 16.71
N GLN A 62 25.52 13.88 17.20
CA GLN A 62 26.88 13.35 17.11
C GLN A 62 27.25 12.94 15.69
N ALA A 63 26.29 12.45 14.93
CA ALA A 63 26.52 12.05 13.54
C ALA A 63 26.80 13.25 12.64
N ARG A 64 26.18 14.37 12.96
CA ARG A 64 26.31 15.62 12.20
C ARG A 64 27.68 16.31 12.36
N LYS A 65 28.45 15.89 13.36
CA LYS A 65 29.82 16.38 13.56
C LYS A 65 30.82 15.62 12.71
N PHE A 66 30.43 14.43 12.24
CA PHE A 66 31.23 13.69 11.27
C PHE A 66 31.04 14.30 9.89
N ASP A 67 32.15 14.66 9.24
CA ASP A 67 32.10 15.03 7.84
C ASP A 67 31.98 13.75 7.00
N VAL A 68 30.80 13.57 6.42
CA VAL A 68 30.47 12.41 5.60
C VAL A 68 31.40 12.31 4.38
N ASN A 69 31.76 13.46 3.84
CA ASN A 69 32.67 13.57 2.70
C ASN A 69 34.08 13.03 2.90
N GLN A 70 34.59 13.13 4.13
CA GLN A 70 35.95 12.68 4.44
C GLN A 70 36.02 11.19 4.77
N LEU A 71 34.86 10.56 4.98
CA LEU A 71 34.76 9.15 5.36
C LEU A 71 35.16 8.18 4.26
N GLN A 72 36.08 7.28 4.60
CA GLN A 72 36.64 6.32 3.64
C GLN A 72 35.70 5.16 3.31
N ASN A 73 35.15 4.54 4.36
CA ASN A 73 34.27 3.37 4.22
C ASN A 73 32.89 3.78 3.72
N THR A 74 32.43 3.09 2.68
CA THR A 74 31.17 3.40 1.99
C THR A 74 29.93 3.10 2.84
N THR A 75 29.87 1.89 3.40
CA THR A 75 28.81 1.48 4.30
C THR A 75 28.71 2.41 5.50
N ILE A 76 29.84 2.66 6.15
CA ILE A 76 29.91 3.53 7.33
C ILE A 76 29.45 4.97 7.01
N LYS A 77 29.85 5.46 5.84
CA LYS A 77 29.50 6.81 5.38
C LYS A 77 28.00 6.94 5.13
N ARG A 78 27.40 5.87 4.59
CA ARG A 78 25.99 5.78 4.27
C ARG A 78 25.12 5.70 5.52
N ILE A 79 25.65 5.08 6.57
CA ILE A 79 24.94 4.98 7.84
C ILE A 79 24.88 6.34 8.54
N ILE A 80 26.05 6.91 8.81
CA ILE A 80 26.20 8.20 9.52
C ILE A 80 25.35 9.30 8.88
N LYS A 81 25.39 9.39 7.55
CA LYS A 81 24.61 10.34 6.78
C LYS A 81 23.10 10.15 7.07
N LYS A 82 22.64 8.90 7.08
CA LYS A 82 21.27 8.59 7.44
C LYS A 82 20.93 9.00 8.89
N VAL A 83 21.86 8.75 9.81
CA VAL A 83 21.69 9.10 11.23
C VAL A 83 21.66 10.62 11.46
N GLN A 84 22.27 11.39 10.54
CA GLN A 84 22.22 12.85 10.58
C GLN A 84 20.79 13.38 10.42
N ASP A 85 19.94 12.61 9.74
CA ASP A 85 18.50 12.93 9.63
C ASP A 85 17.79 12.53 10.92
N LEU A 86 17.41 13.53 11.71
CA LEU A 86 16.74 13.30 13.00
C LEU A 86 15.25 12.98 12.83
N GLU A 87 14.75 13.16 11.61
CA GLU A 87 13.32 13.27 11.31
C GLU A 87 12.55 14.10 12.34
N ARG A 88 11.48 13.55 12.92
CA ARG A 88 10.64 14.33 13.83
C ARG A 88 11.40 14.85 15.06
N ALA A 89 12.41 14.09 15.48
CA ALA A 89 13.24 14.45 16.65
C ALA A 89 13.98 15.78 16.49
N ALA A 90 14.08 16.28 15.25
CA ALA A 90 14.65 17.58 14.99
C ALA A 90 13.80 18.72 15.53
N LEU A 91 12.51 18.45 15.76
CA LEU A 91 11.57 19.43 16.31
C LEU A 91 11.91 19.79 17.76
N PRO A 92 11.76 21.08 18.12
CA PRO A 92 11.88 21.50 19.52
C PRO A 92 10.92 20.71 20.38
N ALA A 93 11.30 20.47 21.64
CA ALA A 93 10.55 19.61 22.58
C ALA A 93 9.02 19.82 22.57
N GLN A 94 8.60 21.08 22.47
CA GLN A 94 7.19 21.47 22.54
C GLN A 94 6.44 21.13 21.25
N GLU A 95 7.12 21.30 20.13
CA GLU A 95 6.57 20.94 18.82
C GLU A 95 6.56 19.42 18.63
N LEU A 96 7.62 18.78 19.12
CA LEU A 96 7.76 17.33 19.04
C LEU A 96 6.58 16.61 19.69
N GLU A 97 6.19 17.07 20.90
CA GLU A 97 5.08 16.46 21.63
C GLU A 97 3.70 16.81 21.06
N GLU A 98 3.61 17.98 20.42
CA GLU A 98 2.38 18.40 19.74
C GLU A 98 2.17 17.58 18.47
N TYR A 99 3.24 17.46 17.67
CA TYR A 99 3.26 16.63 16.48
C TYR A 99 2.99 15.16 16.81
N ASN A 100 3.49 14.70 17.96
CA ASN A 100 3.25 13.32 18.42
C ASN A 100 1.81 13.08 18.82
N LYS A 101 1.24 14.02 19.57
CA LYS A 101 -0.17 13.95 19.95
C LYS A 101 -1.09 14.08 18.73
N ILE A 102 -0.72 14.96 17.79
CA ILE A 102 -1.50 15.14 16.55
C ILE A 102 -1.58 13.84 15.76
N LEU A 103 -0.42 13.23 15.51
CA LEU A 103 -0.33 11.95 14.80
C LEU A 103 -1.15 10.85 15.48
N LEU A 104 -1.06 10.78 16.81
CA LEU A 104 -1.85 9.86 17.62
C LEU A 104 -3.37 10.10 17.56
N ASP A 105 -3.76 11.38 17.59
CA ASP A 105 -5.17 11.79 17.53
C ASP A 105 -5.80 11.54 16.16
N MET A 106 -4.99 11.62 15.10
CA MET A 106 -5.46 11.31 13.74
C MET A 106 -5.67 9.80 13.56
N GLU A 107 -4.74 9.00 14.08
CA GLU A 107 -4.79 7.54 14.05
CA GLU A 107 -4.82 7.55 14.00
C GLU A 107 -6.03 7.00 14.77
N THR A 108 -6.26 7.54 15.97
CA THR A 108 -7.35 7.12 16.84
C THR A 108 -8.67 7.53 16.22
N THR A 109 -8.74 8.77 15.74
CA THR A 109 -9.95 9.28 15.09
C THR A 109 -10.38 8.40 13.92
N TYR A 110 -9.42 8.05 13.07
CA TYR A 110 -9.67 7.23 11.90
C TYR A 110 -10.11 5.82 12.30
N SER A 111 -9.45 5.28 13.32
CA SER A 111 -9.65 3.89 13.74
C SER A 111 -10.88 3.62 14.60
N VAL A 112 -11.39 4.65 15.28
CA VAL A 112 -12.60 4.52 16.10
C VAL A 112 -13.86 5.08 15.41
N ALA A 113 -13.70 5.58 14.19
CA ALA A 113 -14.82 6.16 13.44
C ALA A 113 -15.88 5.12 13.05
N THR A 114 -17.14 5.46 13.34
CA THR A 114 -18.26 4.65 12.94
C THR A 114 -19.29 5.46 12.15
N VAL A 115 -20.10 4.77 11.37
CA VAL A 115 -21.18 5.38 10.63
C VAL A 115 -22.47 4.64 11.01
N CYS A 116 -23.40 5.37 11.59
CA CYS A 116 -24.63 4.78 12.12
C CYS A 116 -25.85 5.21 11.31
N HIS A 117 -26.94 4.46 11.46
CA HIS A 117 -28.26 4.88 11.04
C HIS A 117 -28.98 5.41 12.27
N PRO A 118 -30.09 6.16 12.08
CA PRO A 118 -30.87 6.62 13.23
C PRO A 118 -31.38 5.49 14.12
N ASN A 119 -31.65 4.33 13.51
CA ASN A 119 -32.09 3.13 14.24
C ASN A 119 -31.13 2.62 15.34
N GLY A 120 -29.92 3.18 15.38
CA GLY A 120 -28.93 2.87 16.41
C GLY A 120 -27.86 1.86 16.02
N SER A 121 -27.94 1.34 14.80
CA SER A 121 -26.94 0.38 14.30
C SER A 121 -25.77 1.12 13.65
N CYS A 122 -24.56 0.88 14.17
CA CYS A 122 -23.35 1.59 13.76
C CYS A 122 -22.36 0.69 13.03
N LEU A 123 -21.73 1.23 12.01
CA LEU A 123 -20.84 0.45 11.18
C LEU A 123 -19.40 0.95 11.25
N GLN A 124 -18.50 0.02 11.59
CA GLN A 124 -17.05 0.23 11.48
C GLN A 124 -16.63 0.04 10.01
N LEU A 125 -15.46 0.55 9.64
CA LEU A 125 -14.96 0.44 8.27
C LEU A 125 -14.69 -1.02 7.88
N GLU A 126 -13.96 -1.75 8.72
CA GLU A 126 -13.74 -3.19 8.55
C GLU A 126 -14.44 -3.93 9.67
N PRO A 127 -15.31 -4.91 9.33
CA PRO A 127 -15.60 -5.36 7.97
C PRO A 127 -16.88 -4.73 7.43
N ASP A 128 -17.56 -3.88 8.14
CA ASP A 128 -18.93 -3.48 7.83
C ASP A 128 -19.12 -2.58 6.61
N LEU A 129 -18.53 -1.38 6.63
CA LEU A 129 -18.64 -0.44 5.49
C LEU A 129 -17.94 -1.00 4.25
N THR A 130 -16.86 -1.74 4.49
CA THR A 130 -16.07 -2.45 3.48
C THR A 130 -16.91 -3.47 2.68
N ASN A 131 -17.73 -4.23 3.40
CA ASN A 131 -18.61 -5.21 2.78
C ASN A 131 -19.74 -4.56 1.99
N VAL A 132 -20.30 -3.47 2.52
CA VAL A 132 -21.33 -2.71 1.80
C VAL A 132 -20.79 -2.22 0.46
N MET A 133 -19.62 -1.62 0.48
CA MET A 133 -18.94 -1.14 -0.73
C MET A 133 -18.71 -2.23 -1.77
N ALA A 134 -18.40 -3.44 -1.31
CA ALA A 134 -18.05 -4.57 -2.19
C ALA A 134 -19.24 -5.34 -2.76
N THR A 135 -20.35 -5.39 -2.02
CA THR A 135 -21.43 -6.33 -2.33
C THR A 135 -22.75 -5.67 -2.67
N SER A 136 -22.97 -4.46 -2.17
CA SER A 136 -24.21 -3.75 -2.50
C SER A 136 -24.18 -3.26 -3.96
N ARG A 137 -25.35 -3.38 -4.61
CA ARG A 137 -25.54 -2.92 -5.98
C ARG A 137 -26.70 -1.93 -6.02
N LYS A 138 -26.88 -1.23 -4.91
CA LYS A 138 -27.91 -0.19 -4.79
C LYS A 138 -27.22 1.14 -4.67
N TYR A 139 -27.49 2.02 -5.64
CA TYR A 139 -26.86 3.34 -5.73
C TYR A 139 -26.89 4.11 -4.42
N GLU A 140 -28.04 4.06 -3.75
CA GLU A 140 -28.32 4.81 -2.52
C GLU A 140 -27.64 4.21 -1.29
N ASP A 141 -27.60 2.89 -1.20
CA ASP A 141 -26.88 2.21 -0.11
C ASP A 141 -25.38 2.43 -0.18
N LEU A 142 -24.81 2.35 -1.38
CA LEU A 142 -23.38 2.61 -1.58
C LEU A 142 -23.03 4.05 -1.24
N LEU A 143 -23.94 4.97 -1.60
CA LEU A 143 -23.78 6.39 -1.35
C LEU A 143 -23.83 6.70 0.14
N TRP A 144 -24.71 6.02 0.87
CA TRP A 144 -24.79 6.17 2.31
C TRP A 144 -23.49 5.75 3.00
N ALA A 145 -22.93 4.61 2.59
CA ALA A 145 -21.66 4.11 3.15
C ALA A 145 -20.48 5.00 2.75
N TRP A 146 -20.52 5.50 1.52
CA TRP A 146 -19.45 6.33 0.97
C TRP A 146 -19.42 7.72 1.59
N GLU A 147 -20.59 8.37 1.61
CA GLU A 147 -20.72 9.71 2.20
C GLU A 147 -20.55 9.63 3.71
N GLY A 148 -21.16 8.61 4.30
CA GLY A 148 -21.12 8.40 5.75
C GLY A 148 -19.70 8.27 6.25
N TRP A 149 -18.90 7.44 5.57
CA TRP A 149 -17.49 7.30 5.92
C TRP A 149 -16.71 8.61 5.82
N ARG A 150 -16.95 9.38 4.76
CA ARG A 150 -16.35 10.68 4.59
C ARG A 150 -16.89 11.74 5.56
N ASP A 151 -18.15 11.59 5.97
CA ASP A 151 -18.74 12.51 6.95
C ASP A 151 -18.14 12.33 8.34
N LYS A 152 -17.92 11.07 8.72
CA LYS A 152 -17.42 10.75 10.05
C LYS A 152 -15.90 10.75 10.15
N ALA A 153 -15.20 10.04 9.25
CA ALA A 153 -13.74 9.96 9.32
C ALA A 153 -13.06 11.15 8.66
N GLY A 154 -13.47 11.47 7.44
CA GLY A 154 -12.88 12.56 6.67
C GLY A 154 -12.98 13.91 7.37
N ARG A 155 -14.20 14.34 7.66
CA ARG A 155 -14.44 15.62 8.33
C ARG A 155 -13.70 15.76 9.67
N ALA A 156 -13.67 14.69 10.45
CA ALA A 156 -13.05 14.71 11.77
C ALA A 156 -11.52 14.76 11.76
N ILE A 157 -10.91 14.42 10.62
CA ILE A 157 -9.46 14.52 10.47
C ILE A 157 -9.01 15.96 10.16
N LEU A 158 -9.91 16.76 9.61
CA LEU A 158 -9.59 18.11 9.11
C LEU A 158 -9.09 19.10 10.16
N GLN A 159 -9.53 18.94 11.40
CA GLN A 159 -9.12 19.86 12.44
C GLN A 159 -7.63 19.71 12.78
N PHE A 160 -7.06 18.54 12.49
CA PHE A 160 -5.67 18.24 12.81
C PHE A 160 -4.67 18.49 11.67
N TYR A 161 -5.15 18.44 10.43
CA TYR A 161 -4.25 18.36 9.26
C TYR A 161 -3.39 19.60 8.98
N PRO A 162 -3.98 20.81 8.99
CA PRO A 162 -3.08 21.94 8.72
C PRO A 162 -1.93 22.07 9.74
N LYS A 163 -2.21 21.76 11.01
CA LYS A 163 -1.18 21.73 12.06
C LYS A 163 -0.16 20.59 11.84
N TYR A 164 -0.64 19.43 11.38
CA TYR A 164 0.24 18.32 10.99
C TYR A 164 1.23 18.71 9.89
N VAL A 165 0.72 19.31 8.81
CA VAL A 165 1.50 19.73 7.66
C VAL A 165 2.60 20.73 8.05
N GLU A 166 2.25 21.66 8.94
CA GLU A 166 3.17 22.69 9.45
C GLU A 166 4.35 22.08 10.22
N LEU A 167 4.02 21.18 11.14
CA LEU A 167 4.98 20.48 11.99
C LEU A 167 5.86 19.47 11.22
N ILE A 168 5.26 18.62 10.38
CA ILE A 168 6.05 17.67 9.60
C ILE A 168 6.99 18.38 8.61
N ASN A 169 6.53 19.50 8.06
CA ASN A 169 7.35 20.33 7.18
C ASN A 169 8.51 20.95 7.95
N GLN A 170 8.22 21.50 9.13
CA GLN A 170 9.24 22.10 9.99
C GLN A 170 10.34 21.11 10.34
N ALA A 171 9.98 19.89 10.74
CA ALA A 171 10.98 18.84 11.04
C ALA A 171 11.82 18.53 9.82
N ALA A 172 11.19 18.62 8.65
CA ALA A 172 11.85 18.34 7.37
C ALA A 172 12.84 19.42 6.99
N ARG A 173 12.46 20.69 7.17
CA ARG A 173 13.39 21.82 7.01
C ARG A 173 14.57 21.71 7.95
N LEU A 174 14.29 21.34 9.21
CA LEU A 174 15.32 21.14 10.24
C LEU A 174 16.28 19.99 9.96
N ASN A 175 15.92 19.10 9.04
CA ASN A 175 16.82 18.04 8.60
C ASN A 175 17.43 18.28 7.21
N GLY A 176 17.31 19.51 6.70
CA GLY A 176 17.95 19.93 5.45
C GLY A 176 17.10 19.84 4.19
N TYR A 177 15.82 19.53 4.37
CA TYR A 177 14.89 19.41 3.26
C TYR A 177 14.08 20.69 3.07
N VAL A 178 13.46 20.84 1.90
CA VAL A 178 12.61 22.01 1.62
C VAL A 178 11.21 21.84 2.25
N ASP A 179 10.77 20.59 2.35
CA ASP A 179 9.45 20.24 2.92
C ASP A 179 9.33 18.73 3.14
N ALA A 180 8.20 18.27 3.67
CA ALA A 180 8.05 16.86 4.03
C ALA A 180 8.04 15.91 2.83
N GLY A 181 7.46 16.36 1.72
CA GLY A 181 7.36 15.54 0.50
C GLY A 181 8.71 15.39 -0.17
N ASP A 182 9.57 16.39 0.06
CA ASP A 182 10.94 16.37 -0.39
C ASP A 182 11.72 15.32 0.41
N SER A 183 11.54 15.31 1.73
CA SER A 183 12.12 14.29 2.59
C SER A 183 11.65 12.88 2.23
N TRP A 184 10.37 12.75 1.90
CA TRP A 184 9.80 11.47 1.49
C TRP A 184 10.36 10.94 0.18
N ARG A 185 10.46 11.81 -0.83
CA ARG A 185 10.97 11.44 -2.17
C ARG A 185 12.42 11.01 -2.14
N SER A 186 13.19 11.58 -1.21
CA SER A 186 14.63 11.30 -1.09
C SER A 186 14.92 9.86 -0.64
N MET A 187 13.94 9.19 -0.04
CA MET A 187 14.02 7.75 0.27
C MET A 187 14.41 6.92 -0.97
N TYR A 188 14.01 7.39 -2.16
CA TYR A 188 14.33 6.67 -3.40
C TYR A 188 15.71 6.98 -3.98
N GLU A 189 16.36 8.02 -3.48
CA GLU A 189 17.70 8.47 -3.96
C GLU A 189 17.77 8.60 -5.50
N THR A 190 16.73 9.18 -6.07
CA THR A 190 16.65 9.30 -7.51
C THR A 190 16.20 10.72 -7.86
N PRO A 191 17.15 11.57 -8.29
CA PRO A 191 16.81 12.92 -8.73
C PRO A 191 15.75 12.95 -9.86
N SER A 192 15.75 11.95 -10.72
CA SER A 192 14.79 11.89 -11.83
C SER A 192 13.43 11.31 -11.43
N LEU A 193 13.23 11.08 -10.14
CA LEU A 193 12.07 10.35 -9.61
C LEU A 193 10.70 10.77 -10.16
N GLU A 194 10.37 12.05 -10.06
CA GLU A 194 9.09 12.58 -10.53
C GLU A 194 8.83 12.38 -12.00
N GLN A 195 9.86 12.56 -12.81
CA GLN A 195 9.79 12.32 -14.22
C GLN A 195 9.63 10.82 -14.51
N ASP A 196 10.42 10.00 -13.83
CA ASP A 196 10.36 8.54 -13.94
C ASP A 196 8.95 8.01 -13.71
N LEU A 197 8.35 8.42 -12.58
CA LEU A 197 6.98 8.04 -12.23
C LEU A 197 5.93 8.55 -13.21
N GLU A 198 6.09 9.79 -13.68
CA GLU A 198 5.22 10.40 -14.70
C GLU A 198 5.22 9.62 -16.02
N ARG A 199 6.42 9.27 -16.49
CA ARG A 199 6.57 8.42 -17.67
C ARG A 199 5.94 7.05 -17.49
N LEU A 200 6.11 6.45 -16.31
CA LEU A 200 5.58 5.13 -15.99
C LEU A 200 4.06 5.15 -15.91
N PHE A 201 3.52 6.27 -15.41
CA PHE A 201 2.08 6.49 -15.38
C PHE A 201 1.50 6.62 -16.78
N GLN A 202 2.13 7.43 -17.63
CA GLN A 202 1.69 7.61 -19.02
C GLN A 202 1.77 6.32 -19.85
N GLU A 203 2.70 5.43 -19.51
CA GLU A 203 2.84 4.12 -20.17
C GLU A 203 1.57 3.29 -20.03
N LEU A 204 0.94 3.37 -18.87
CA LEU A 204 -0.24 2.58 -18.54
C LEU A 204 -1.55 3.33 -18.71
N GLN A 205 -1.51 4.47 -19.40
CA GLN A 205 -2.71 5.22 -19.75
C GLN A 205 -3.68 4.47 -20.67
N PRO A 206 -3.22 4.02 -21.86
CA PRO A 206 -4.13 3.31 -22.78
C PRO A 206 -4.86 2.13 -22.14
N LEU A 207 -4.15 1.35 -21.36
CA LEU A 207 -4.71 0.19 -20.67
C LEU A 207 -5.68 0.61 -19.57
N TYR A 208 -5.42 1.75 -18.91
CA TYR A 208 -6.34 2.26 -17.90
C TYR A 208 -7.58 2.93 -18.48
N LEU A 209 -7.42 3.71 -19.54
CA LEU A 209 -8.55 4.43 -20.16
C LEU A 209 -9.56 3.44 -20.77
N ASN A 210 -9.04 2.37 -21.35
CA ASN A 210 -9.86 1.32 -21.91
C ASN A 210 -10.58 0.49 -20.84
N LEU A 211 -9.90 0.26 -19.72
CA LEU A 211 -10.55 -0.40 -18.58
C LEU A 211 -11.64 0.51 -17.99
N HIS A 212 -11.35 1.81 -17.93
CA HIS A 212 -12.27 2.82 -17.40
C HIS A 212 -13.53 2.89 -18.26
N ALA A 213 -13.35 2.95 -19.58
CA ALA A 213 -14.44 2.99 -20.55
C ALA A 213 -15.30 1.72 -20.52
N TYR A 214 -14.65 0.56 -20.38
CA TYR A 214 -15.35 -0.73 -20.34
C TYR A 214 -16.26 -0.87 -19.12
N VAL A 215 -15.75 -0.39 -17.99
CA VAL A 215 -16.42 -0.47 -16.70
C VAL A 215 -17.53 0.59 -16.59
N ARG A 216 -17.29 1.75 -17.20
CA ARG A 216 -18.28 2.82 -17.24
C ARG A 216 -19.54 2.39 -18.00
N ARG A 217 -19.33 1.69 -19.11
CA ARG A 217 -20.39 1.04 -19.87
C ARG A 217 -21.14 0.00 -19.04
N ALA A 218 -20.41 -0.78 -18.26
CA ALA A 218 -21.02 -1.84 -17.47
C ALA A 218 -21.87 -1.25 -16.35
N LEU A 219 -21.39 -0.15 -15.77
CA LEU A 219 -22.16 0.59 -14.77
C LEU A 219 -23.37 1.27 -15.40
N HIS A 220 -23.21 1.73 -16.65
CA HIS A 220 -24.31 2.28 -17.44
C HIS A 220 -25.42 1.24 -17.57
N ARG A 221 -25.05 0.01 -17.94
CA ARG A 221 -25.99 -1.10 -18.02
C ARG A 221 -26.73 -1.30 -16.70
N HIS A 222 -25.97 -1.41 -15.61
CA HIS A 222 -26.55 -1.75 -14.33
C HIS A 222 -27.28 -0.61 -13.62
N TYR A 223 -26.63 0.55 -13.52
CA TYR A 223 -27.12 1.63 -12.65
C TYR A 223 -27.96 2.67 -13.36
N GLY A 224 -28.11 2.50 -14.67
CA GLY A 224 -29.02 3.32 -15.45
C GLY A 224 -28.38 4.47 -16.16
N ALA A 225 -28.91 4.78 -17.35
CA ALA A 225 -28.42 5.84 -18.21
C ALA A 225 -28.51 7.23 -17.58
N GLN A 226 -29.39 7.39 -16.59
CA GLN A 226 -29.59 8.68 -15.93
C GLN A 226 -28.53 9.01 -14.86
N HIS A 227 -27.78 7.99 -14.46
CA HIS A 227 -26.81 8.14 -13.38
C HIS A 227 -25.35 7.96 -13.81
N ILE A 228 -25.14 7.50 -15.05
CA ILE A 228 -23.82 7.25 -15.62
C ILE A 228 -23.67 8.00 -16.94
N ASN A 229 -22.62 8.81 -17.04
CA ASN A 229 -22.29 9.50 -18.26
C ASN A 229 -21.23 8.72 -19.07
N LEU A 230 -21.57 8.32 -20.29
CA LEU A 230 -20.67 7.49 -21.12
C LEU A 230 -19.45 8.24 -21.66
N GLU A 231 -19.45 9.56 -21.51
CA GLU A 231 -18.33 10.42 -21.87
C GLU A 231 -17.79 11.15 -20.63
N GLY A 232 -18.26 10.74 -19.46
CA GLY A 232 -17.93 11.46 -18.24
C GLY A 232 -17.16 10.64 -17.23
N PRO A 233 -16.94 11.23 -16.05
CA PRO A 233 -16.30 10.50 -14.95
C PRO A 233 -17.27 9.53 -14.28
N ILE A 234 -16.74 8.44 -13.76
CA ILE A 234 -17.48 7.43 -13.01
C ILE A 234 -17.71 7.93 -11.58
N PRO A 235 -18.98 7.90 -11.09
CA PRO A 235 -19.23 8.20 -9.66
C PRO A 235 -18.42 7.28 -8.73
N ALA A 236 -17.71 7.88 -7.78
CA ALA A 236 -16.65 7.20 -7.03
C ALA A 236 -17.10 6.12 -6.03
N HIS A 237 -18.41 5.90 -5.93
CA HIS A 237 -18.94 4.93 -4.98
C HIS A 237 -19.34 3.58 -5.60
N LEU A 238 -19.12 3.43 -6.90
CA LEU A 238 -19.66 2.28 -7.66
C LEU A 238 -18.63 1.21 -8.06
N LEU A 239 -17.43 1.28 -7.49
CA LEU A 239 -16.34 0.42 -7.96
C LEU A 239 -15.96 -0.73 -7.00
N GLY A 240 -16.82 -0.96 -5.99
CA GLY A 240 -16.66 -2.12 -5.09
C GLY A 240 -15.66 -1.95 -3.97
N ASN A 241 -15.16 -0.72 -3.83
CA ASN A 241 -14.15 -0.38 -2.84
C ASN A 241 -14.42 1.06 -2.40
N MET A 242 -14.20 1.34 -1.12
CA MET A 242 -14.44 2.65 -0.51
C MET A 242 -13.72 3.82 -1.21
N TRP A 243 -12.49 3.59 -1.68
CA TRP A 243 -11.70 4.68 -2.28
C TRP A 243 -11.62 4.59 -3.81
N ALA A 244 -12.36 3.62 -4.38
CA ALA A 244 -12.32 3.31 -5.81
C ALA A 244 -10.88 3.14 -6.29
N GLN A 245 -10.07 2.54 -5.43
CA GLN A 245 -8.66 2.30 -5.71
C GLN A 245 -8.44 0.94 -6.37
N THR A 246 -9.30 -0.02 -6.03
CA THR A 246 -9.32 -1.32 -6.69
C THR A 246 -10.77 -1.62 -7.09
N TRP A 247 -10.95 -2.30 -8.22
CA TRP A 247 -12.30 -2.48 -8.77
C TRP A 247 -12.74 -3.93 -8.88
N SER A 248 -11.98 -4.86 -8.31
CA SER A 248 -12.23 -6.30 -8.48
C SER A 248 -13.53 -6.82 -7.85
N ASN A 249 -14.07 -6.07 -6.89
CA ASN A 249 -15.30 -6.49 -6.22
C ASN A 249 -16.57 -6.32 -7.07
N ILE A 250 -16.49 -5.53 -8.14
CA ILE A 250 -17.60 -5.42 -9.10
C ILE A 250 -17.36 -6.24 -10.37
N TYR A 251 -16.49 -7.24 -10.27
CA TYR A 251 -16.17 -8.15 -11.34
C TYR A 251 -17.42 -8.78 -11.99
N ASP A 252 -18.43 -9.04 -11.16
CA ASP A 252 -19.71 -9.64 -11.57
C ASP A 252 -20.49 -8.74 -12.52
N LEU A 253 -20.26 -7.42 -12.39
CA LEU A 253 -20.89 -6.41 -13.21
C LEU A 253 -20.22 -6.24 -14.56
N VAL A 254 -19.00 -6.78 -14.71
CA VAL A 254 -18.15 -6.53 -15.89
C VAL A 254 -17.59 -7.79 -16.57
N VAL A 255 -17.94 -8.96 -16.06
CA VAL A 255 -17.45 -10.25 -16.61
C VAL A 255 -17.43 -10.21 -18.14
N PRO A 256 -16.24 -10.30 -18.75
CA PRO A 256 -16.11 -10.41 -20.21
C PRO A 256 -16.88 -11.59 -20.81
N PHE A 257 -16.78 -12.76 -20.19
CA PHE A 257 -17.48 -13.95 -20.70
C PHE A 257 -18.32 -14.69 -19.65
N PRO A 258 -19.55 -14.20 -19.41
CA PRO A 258 -20.42 -14.78 -18.38
C PRO A 258 -20.87 -16.23 -18.65
N SER A 259 -20.77 -16.68 -19.90
CA SER A 259 -21.03 -18.07 -20.26
C SER A 259 -20.03 -19.03 -19.59
N ALA A 260 -18.94 -18.48 -19.07
CA ALA A 260 -17.90 -19.25 -18.39
C ALA A 260 -17.82 -18.84 -16.91
N PRO A 261 -18.64 -19.48 -16.05
CA PRO A 261 -18.64 -19.07 -14.65
C PRO A 261 -17.44 -19.64 -13.88
N SER A 262 -16.85 -18.80 -13.01
CA SER A 262 -15.80 -19.25 -12.11
C SER A 262 -16.33 -19.35 -10.70
N MET A 263 -15.79 -20.31 -9.94
CA MET A 263 -16.25 -20.58 -8.60
C MET A 263 -16.24 -19.33 -7.73
N ASP A 264 -17.20 -19.26 -6.81
CA ASP A 264 -17.18 -18.27 -5.74
C ASP A 264 -16.00 -18.59 -4.81
N THR A 265 -14.85 -17.97 -5.07
CA THR A 265 -13.61 -18.25 -4.33
C THR A 265 -13.73 -17.98 -2.83
N THR A 266 -14.58 -17.01 -2.49
CA THR A 266 -14.84 -16.64 -1.10
C THR A 266 -15.66 -17.72 -0.38
N GLU A 267 -16.81 -18.08 -0.96
CA GLU A 267 -17.64 -19.17 -0.42
C GLU A 267 -16.91 -20.51 -0.48
N ALA A 268 -16.03 -20.66 -1.48
CA ALA A 268 -15.14 -21.82 -1.57
C ALA A 268 -14.17 -21.88 -0.39
N MET A 269 -13.68 -20.72 0.05
CA MET A 269 -12.83 -20.63 1.25
C MET A 269 -13.62 -20.88 2.54
N LEU A 270 -14.84 -20.35 2.61
CA LEU A 270 -15.73 -20.58 3.75
C LEU A 270 -16.23 -22.02 3.79
N LYS A 271 -16.60 -22.57 2.62
CA LYS A 271 -17.07 -23.95 2.51
C LYS A 271 -16.09 -24.99 3.06
N GLN A 272 -14.83 -24.91 2.63
CA GLN A 272 -13.81 -25.81 3.17
C GLN A 272 -13.06 -25.26 4.40
N GLY A 273 -13.74 -24.39 5.14
CA GLY A 273 -13.31 -23.98 6.47
C GLY A 273 -11.94 -23.34 6.60
N TRP A 274 -11.62 -22.45 5.66
CA TRP A 274 -10.40 -21.66 5.71
C TRP A 274 -10.51 -20.63 6.84
N THR A 275 -9.41 -20.45 7.56
CA THR A 275 -9.35 -19.47 8.64
C THR A 275 -8.35 -18.36 8.27
N PRO A 276 -8.32 -17.25 9.04
CA PRO A 276 -7.16 -16.34 8.94
C PRO A 276 -5.83 -17.07 9.11
N ARG A 277 -5.74 -17.97 10.09
CA ARG A 277 -4.52 -18.73 10.36
C ARG A 277 -4.07 -19.52 9.13
N ARG A 278 -5.03 -20.18 8.48
CA ARG A 278 -4.81 -20.97 7.27
C ARG A 278 -4.21 -20.13 6.16
N MET A 279 -4.72 -18.91 6.00
CA MET A 279 -4.28 -17.99 4.95
C MET A 279 -2.80 -17.59 5.08
N PHE A 280 -2.36 -17.34 6.31
CA PHE A 280 -0.94 -17.06 6.60
C PHE A 280 -0.07 -18.33 6.57
N LYS A 281 -0.67 -19.47 6.92
CA LYS A 281 0.00 -20.77 6.82
C LYS A 281 0.30 -21.12 5.36
N GLU A 282 -0.59 -20.69 4.46
CA GLU A 282 -0.42 -20.92 3.03
C GLU A 282 0.58 -19.96 2.40
N ALA A 283 0.64 -18.74 2.95
CA ALA A 283 1.62 -17.75 2.53
C ALA A 283 3.02 -18.16 2.97
N ASP A 284 3.10 -18.68 4.19
CA ASP A 284 4.32 -19.24 4.76
C ASP A 284 4.87 -20.34 3.85
N ASP A 285 3.97 -21.22 3.40
CA ASP A 285 4.28 -22.33 2.52
C ASP A 285 4.80 -21.87 1.17
N PHE A 286 4.20 -20.83 0.60
CA PHE A 286 4.66 -20.26 -0.68
C PHE A 286 6.05 -19.68 -0.52
N PHE A 287 6.30 -19.00 0.60
CA PHE A 287 7.64 -18.47 0.90
C PHE A 287 8.68 -19.59 1.12
N THR A 288 8.32 -20.65 1.82
CA THR A 288 9.26 -21.78 2.00
C THR A 288 9.47 -22.59 0.72
N SER A 289 8.45 -22.66 -0.13
CA SER A 289 8.56 -23.37 -1.40
C SER A 289 9.58 -22.72 -2.34
N LEU A 290 9.83 -21.43 -2.13
CA LEU A 290 10.83 -20.70 -2.90
C LEU A 290 12.25 -20.86 -2.33
N GLY A 291 12.36 -21.61 -1.23
CA GLY A 291 13.63 -21.77 -0.54
C GLY A 291 13.89 -20.60 0.41
N LEU A 292 12.83 -19.84 0.71
CA LEU A 292 12.90 -18.65 1.57
C LEU A 292 12.50 -18.98 3.00
N LEU A 293 12.84 -18.07 3.92
CA LEU A 293 12.68 -18.29 5.35
C LEU A 293 11.25 -18.47 5.81
N PRO A 294 11.01 -19.48 6.67
CA PRO A 294 9.73 -19.63 7.34
C PRO A 294 9.61 -18.60 8.45
N VAL A 295 8.38 -18.28 8.86
CA VAL A 295 8.18 -17.40 10.01
C VAL A 295 8.53 -18.16 11.29
N PRO A 296 9.18 -17.46 12.26
CA PRO A 296 9.51 -18.14 13.51
C PRO A 296 8.25 -18.70 14.16
N PRO A 297 8.41 -19.72 15.05
CA PRO A 297 7.28 -20.17 15.87
C PRO A 297 6.65 -19.02 16.65
N GLU A 298 7.50 -18.12 17.19
CA GLU A 298 7.08 -16.93 17.93
C GLU A 298 6.03 -16.09 17.20
N PHE A 299 6.17 -15.98 15.89
CA PHE A 299 5.24 -15.26 15.01
C PHE A 299 3.79 -15.64 15.29
N TRP A 300 3.54 -16.94 15.32
CA TRP A 300 2.19 -17.48 15.49
C TRP A 300 1.56 -17.20 16.86
N ASN A 301 2.39 -17.06 17.89
CA ASN A 301 1.93 -16.78 19.26
C ASN A 301 1.64 -15.31 19.51
N LYS A 302 2.34 -14.45 18.78
CA LYS A 302 2.36 -13.03 19.08
C LYS A 302 1.54 -12.17 18.13
N SER A 303 1.33 -12.66 16.90
CA SER A 303 0.62 -11.90 15.87
C SER A 303 -0.88 -11.80 16.14
N MET A 304 -1.49 -10.74 15.64
CA MET A 304 -2.92 -10.55 15.72
C MET A 304 -3.49 -10.80 14.32
N LEU A 305 -3.76 -12.07 14.02
CA LEU A 305 -4.14 -12.49 12.67
C LEU A 305 -5.63 -12.33 12.35
N GLU A 306 -6.41 -11.97 13.36
CA GLU A 306 -7.84 -11.70 13.18
C GLU A 306 -8.28 -10.55 14.08
N LYS A 307 -9.40 -9.91 13.72
CA LYS A 307 -9.98 -8.82 14.50
C LYS A 307 -10.48 -9.28 15.87
N PRO A 308 -9.98 -8.66 16.96
CA PRO A 308 -10.38 -8.96 18.33
C PRO A 308 -11.89 -8.87 18.53
N THR A 309 -12.43 -9.76 19.38
CA THR A 309 -13.85 -9.80 19.68
C THR A 309 -14.11 -9.50 21.15
N ASP A 310 -13.04 -9.35 21.93
CA ASP A 310 -13.16 -9.06 23.36
C ASP A 310 -13.52 -7.59 23.66
N GLY A 311 -14.14 -6.94 22.68
CA GLY A 311 -14.63 -5.57 22.83
C GLY A 311 -13.56 -4.50 22.73
N ARG A 312 -12.37 -4.89 22.26
CA ARG A 312 -11.25 -3.96 22.10
C ARG A 312 -11.39 -3.08 20.87
N GLU A 313 -10.92 -1.84 21.01
CA GLU A 313 -10.78 -0.92 19.90
C GLU A 313 -9.35 -1.06 19.33
N VAL A 314 -9.24 -1.27 18.02
CA VAL A 314 -7.94 -1.47 17.38
C VAL A 314 -7.73 -0.64 16.10
N VAL A 315 -6.47 -0.51 15.69
CA VAL A 315 -6.12 -0.07 14.33
C VAL A 315 -6.26 -1.31 13.46
N CYS A 316 -7.32 -1.33 12.65
CA CYS A 316 -7.63 -2.50 11.81
C CYS A 316 -6.87 -2.56 10.49
N HIS A 317 -6.46 -1.40 9.97
CA HIS A 317 -5.60 -1.37 8.77
C HIS A 317 -4.32 -2.11 9.09
N ALA A 318 -4.04 -3.14 8.29
CA ALA A 318 -2.97 -4.10 8.55
C ALA A 318 -1.58 -3.48 8.52
N SER A 319 -0.64 -4.16 9.17
CA SER A 319 0.77 -3.81 9.15
C SER A 319 1.63 -5.00 9.57
N ALA A 320 2.90 -4.95 9.19
CA ALA A 320 3.86 -5.98 9.57
C ALA A 320 4.95 -5.34 10.42
N TRP A 321 5.36 -6.05 11.47
CA TRP A 321 6.14 -5.45 12.54
C TRP A 321 7.53 -6.04 12.65
N ASP A 322 8.52 -5.15 12.72
CA ASP A 322 9.88 -5.53 13.07
C ASP A 322 10.19 -4.98 14.47
N PHE A 323 10.53 -5.89 15.38
CA PHE A 323 10.82 -5.55 16.78
C PHE A 323 12.32 -5.42 17.05
N TYR A 324 13.11 -5.48 15.98
CA TYR A 324 14.56 -5.20 15.96
C TYR A 324 15.45 -6.04 16.88
N ASN A 325 15.21 -7.34 16.89
CA ASN A 325 16.10 -8.30 17.57
C ASN A 325 16.44 -9.48 16.66
N GLY A 326 15.73 -9.58 15.54
CA GLY A 326 15.98 -10.62 14.54
C GLY A 326 15.26 -11.91 14.81
N LYS A 327 14.35 -11.89 15.77
CA LYS A 327 13.56 -13.07 16.18
C LYS A 327 12.06 -12.77 16.16
N ASP A 328 11.72 -11.57 16.65
CA ASP A 328 10.34 -11.14 16.83
C ASP A 328 9.86 -10.30 15.63
N PHE A 329 9.07 -10.95 14.79
CA PHE A 329 8.35 -10.30 13.70
C PHE A 329 6.90 -10.72 13.78
N ARG A 330 5.98 -9.77 13.65
CA ARG A 330 4.55 -10.03 13.78
C ARG A 330 3.76 -9.35 12.69
N ILE A 331 2.58 -9.92 12.40
CA ILE A 331 1.58 -9.29 11.56
C ILE A 331 0.40 -8.88 12.44
N LYS A 332 -0.23 -7.75 12.11
CA LYS A 332 -1.48 -7.34 12.73
C LYS A 332 -2.50 -7.11 11.64
N GLN A 333 -3.49 -7.99 11.54
CA GLN A 333 -4.50 -7.90 10.47
C GLN A 333 -5.90 -8.24 10.98
N CYS A 334 -6.89 -7.43 10.59
CA CYS A 334 -8.30 -7.72 10.86
C CYS A 334 -8.87 -8.57 9.72
N THR A 335 -8.34 -9.78 9.61
CA THR A 335 -8.50 -10.65 8.43
C THR A 335 -9.93 -11.17 8.22
N THR A 336 -10.41 -11.02 6.99
CA THR A 336 -11.68 -11.62 6.54
C THR A 336 -11.34 -12.76 5.58
N VAL A 337 -12.12 -13.83 5.65
CA VAL A 337 -11.88 -15.01 4.81
C VAL A 337 -12.44 -14.80 3.39
N ASN A 338 -11.59 -14.23 2.53
CA ASN A 338 -11.88 -13.99 1.11
C ASN A 338 -10.57 -14.02 0.31
N LEU A 339 -10.67 -13.89 -1.02
CA LEU A 339 -9.47 -13.88 -1.86
C LEU A 339 -8.70 -12.59 -1.64
N GLU A 340 -9.42 -11.51 -1.35
CA GLU A 340 -8.82 -10.20 -1.15
C GLU A 340 -7.82 -10.14 0.01
N ASP A 341 -8.19 -10.68 1.16
CA ASP A 341 -7.30 -10.68 2.33
C ASP A 341 -6.24 -11.79 2.29
N LEU A 342 -6.44 -12.75 1.38
CA LEU A 342 -5.44 -13.79 1.14
C LEU A 342 -4.26 -13.18 0.39
N VAL A 343 -4.58 -12.34 -0.60
CA VAL A 343 -3.60 -11.50 -1.28
C VAL A 343 -2.92 -10.54 -0.27
N VAL A 344 -3.72 -9.94 0.61
CA VAL A 344 -3.19 -9.03 1.65
C VAL A 344 -2.24 -9.73 2.64
N ALA A 345 -2.63 -10.92 3.10
CA ALA A 345 -1.80 -11.76 3.95
C ALA A 345 -0.40 -12.00 3.36
N HIS A 346 -0.35 -12.26 2.05
CA HIS A 346 0.92 -12.43 1.32
C HIS A 346 1.77 -11.17 1.25
N HIS A 347 1.11 -10.03 1.03
CA HIS A 347 1.76 -8.73 1.07
C HIS A 347 2.47 -8.52 2.42
N GLU A 348 1.75 -8.87 3.49
CA GLU A 348 2.23 -8.75 4.86
C GLU A 348 3.39 -9.70 5.16
N MET A 349 3.32 -10.89 4.59
CA MET A 349 4.37 -11.91 4.74
C MET A 349 5.62 -11.59 3.91
N GLY A 350 5.47 -10.77 2.89
CA GLY A 350 6.60 -10.28 2.11
C GLY A 350 7.37 -9.19 2.84
N HIS A 351 6.66 -8.39 3.65
CA HIS A 351 7.28 -7.45 4.58
C HIS A 351 8.04 -8.24 5.64
N ILE A 352 7.38 -9.27 6.17
CA ILE A 352 7.96 -10.16 7.16
C ILE A 352 9.21 -10.87 6.64
N GLN A 353 9.14 -11.37 5.42
CA GLN A 353 10.27 -12.02 4.79
C GLN A 353 11.43 -11.04 4.66
N TYR A 354 11.11 -9.78 4.40
CA TYR A 354 12.12 -8.76 4.15
C TYR A 354 12.91 -8.47 5.42
N PHE A 355 12.20 -8.36 6.55
CA PHE A 355 12.79 -8.16 7.87
C PHE A 355 13.83 -9.23 8.20
N MET A 356 13.48 -10.48 7.88
CA MET A 356 14.28 -11.64 8.24
C MET A 356 15.48 -11.79 7.33
N GLN A 357 15.33 -11.32 6.08
CA GLN A 357 16.39 -11.44 5.09
C GLN A 357 17.54 -10.48 5.37
N TYR A 358 17.22 -9.28 5.82
CA TYR A 358 18.23 -8.26 6.12
C TYR A 358 18.48 -8.04 7.61
N LYS A 359 18.01 -8.97 8.44
CA LYS A 359 18.09 -8.86 9.90
C LYS A 359 19.50 -8.76 10.48
N ASP A 360 20.51 -9.12 9.70
CA ASP A 360 21.92 -9.08 10.11
C ASP A 360 22.68 -7.87 9.57
N LEU A 361 21.93 -6.90 9.04
CA LEU A 361 22.50 -5.61 8.65
C LEU A 361 22.42 -4.63 9.81
N PRO A 362 23.26 -3.58 9.80
CA PRO A 362 23.04 -2.46 10.72
C PRO A 362 21.59 -1.97 10.61
N VAL A 363 20.98 -1.55 11.72
CA VAL A 363 19.56 -1.16 11.73
C VAL A 363 19.22 0.00 10.78
N ALA A 364 20.18 0.90 10.61
CA ALA A 364 20.10 2.02 9.68
C ALA A 364 19.97 1.58 8.23
N LEU A 365 20.41 0.35 7.94
CA LEU A 365 20.33 -0.22 6.60
C LEU A 365 19.23 -1.29 6.49
N ARG A 366 18.55 -1.55 7.60
CA ARG A 366 17.47 -2.53 7.63
C ARG A 366 16.17 -1.97 7.05
N GLU A 367 16.16 -1.78 5.73
CA GLU A 367 15.03 -1.22 5.00
C GLU A 367 15.02 -1.84 3.61
N GLY A 368 13.93 -1.66 2.88
CA GLY A 368 13.86 -2.15 1.50
C GLY A 368 14.84 -1.35 0.67
N ALA A 369 15.26 -1.89 -0.47
CA ALA A 369 16.13 -1.17 -1.40
C ALA A 369 15.61 0.26 -1.62
N ASN A 370 14.32 0.35 -1.93
CA ASN A 370 13.55 1.56 -1.78
C ASN A 370 12.21 1.12 -1.20
N PRO A 371 11.37 2.07 -0.69
CA PRO A 371 10.12 1.65 -0.06
C PRO A 371 9.21 0.76 -0.92
N GLY A 372 9.23 1.00 -2.23
CA GLY A 372 8.51 0.17 -3.22
C GLY A 372 8.94 -1.28 -3.31
N PHE A 373 10.23 -1.57 -3.13
CA PHE A 373 10.75 -2.95 -3.07
C PHE A 373 10.09 -3.73 -1.92
N HIS A 374 9.91 -3.05 -0.79
CA HIS A 374 9.31 -3.64 0.41
C HIS A 374 7.82 -4.01 0.23
N GLU A 375 7.08 -3.16 -0.48
CA GLU A 375 5.68 -3.45 -0.78
C GLU A 375 5.54 -4.53 -1.86
N ALA A 376 6.53 -4.64 -2.75
CA ALA A 376 6.44 -5.53 -3.89
C ALA A 376 6.53 -7.04 -3.62
N ILE A 377 7.24 -7.46 -2.56
CA ILE A 377 7.68 -8.86 -2.42
C ILE A 377 6.54 -9.87 -2.23
N GLY A 378 5.62 -9.56 -1.33
CA GLY A 378 4.46 -10.41 -1.08
C GLY A 378 3.43 -10.37 -2.20
N ASP A 379 3.31 -9.21 -2.84
CA ASP A 379 2.49 -9.05 -4.04
C ASP A 379 2.94 -9.90 -5.21
N VAL A 380 4.25 -10.13 -5.31
CA VAL A 380 4.85 -10.98 -6.35
C VAL A 380 4.35 -12.43 -6.24
N LEU A 381 4.50 -13.02 -5.05
CA LEU A 381 4.01 -14.37 -4.80
C LEU A 381 2.49 -14.44 -5.02
N ALA A 382 1.78 -13.46 -4.45
CA ALA A 382 0.32 -13.34 -4.58
C ALA A 382 -0.20 -13.31 -6.05
N LEU A 383 0.62 -12.83 -6.99
CA LEU A 383 0.29 -12.86 -8.41
C LEU A 383 0.19 -14.30 -8.93
N SER A 384 1.09 -15.15 -8.45
CA SER A 384 1.09 -16.57 -8.77
C SER A 384 -0.01 -17.33 -8.03
N VAL A 385 -0.31 -16.87 -6.81
CA VAL A 385 -1.39 -17.44 -5.97
C VAL A 385 -2.75 -17.28 -6.65
N SER A 386 -3.01 -16.07 -7.15
CA SER A 386 -4.27 -15.69 -7.80
C SER A 386 -4.54 -16.35 -9.16
N THR A 387 -3.53 -17.00 -9.76
CA THR A 387 -3.76 -17.73 -11.02
C THR A 387 -4.80 -18.85 -10.86
N PRO A 388 -5.63 -19.09 -11.89
CA PRO A 388 -6.62 -20.17 -11.80
C PRO A 388 -5.98 -21.52 -11.51
N LYS A 389 -4.80 -21.77 -12.09
CA LYS A 389 -4.06 -23.00 -11.89
C LYS A 389 -3.76 -23.21 -10.40
N HIS A 390 -3.14 -22.23 -9.76
CA HIS A 390 -2.79 -22.32 -8.33
C HIS A 390 -4.00 -22.28 -7.39
N LEU A 391 -4.98 -21.43 -7.71
CA LEU A 391 -6.23 -21.41 -6.97
C LEU A 391 -6.94 -22.76 -7.04
N HIS A 392 -6.93 -23.41 -8.20
CA HIS A 392 -7.47 -24.76 -8.33
C HIS A 392 -6.72 -25.77 -7.45
N SER A 393 -5.41 -25.59 -7.30
CA SER A 393 -4.59 -26.47 -6.44
C SER A 393 -4.87 -26.26 -4.95
N LEU A 394 -5.46 -25.12 -4.60
CA LEU A 394 -5.87 -24.85 -3.23
C LEU A 394 -7.31 -25.32 -3.01
N ASN A 395 -7.86 -25.96 -4.03
CA ASN A 395 -9.26 -26.42 -4.09
C ASN A 395 -10.27 -25.26 -4.06
N LEU A 396 -9.84 -24.08 -4.51
CA LEU A 396 -10.70 -22.90 -4.52
C LEU A 396 -11.30 -22.64 -5.91
N LEU A 397 -10.87 -23.44 -6.89
CA LEU A 397 -11.45 -23.45 -8.23
C LEU A 397 -11.55 -24.88 -8.74
N SER A 398 -12.16 -25.04 -9.92
CA SER A 398 -12.42 -26.35 -10.51
C SER A 398 -11.61 -26.64 -11.79
N SER A 399 -11.04 -25.58 -12.38
CA SER A 399 -10.18 -25.70 -13.57
C SER A 399 -8.98 -24.75 -13.47
N GLY A 401 -9.51 -22.27 -16.13
CA GLY A 401 -8.31 -22.64 -16.87
C GLY A 401 -8.62 -23.25 -18.22
N GLY A 402 -7.79 -22.95 -19.20
CA GLY A 402 -7.96 -23.46 -20.57
C GLY A 402 -8.29 -22.39 -21.58
N SER A 403 -9.58 -22.29 -21.92
CA SER A 403 -10.07 -21.44 -23.02
C SER A 403 -9.68 -19.97 -22.92
N ASP A 404 -9.62 -19.30 -24.07
CA ASP A 404 -9.29 -17.88 -24.17
C ASP A 404 -10.29 -16.99 -23.43
N GLU A 405 -11.45 -17.55 -23.13
CA GLU A 405 -12.49 -16.85 -22.37
C GLU A 405 -12.23 -16.84 -20.87
N HIS A 406 -11.74 -17.94 -20.33
CA HIS A 406 -11.33 -17.99 -18.94
C HIS A 406 -10.12 -17.11 -18.72
N ASP A 407 -9.31 -17.01 -19.75
CA ASP A 407 -8.11 -16.20 -19.79
C ASP A 407 -8.43 -14.71 -19.62
N ILE A 408 -9.38 -14.24 -20.43
CA ILE A 408 -9.80 -12.84 -20.46
C ILE A 408 -10.48 -12.49 -19.16
N ASN A 409 -11.28 -13.42 -18.64
CA ASN A 409 -11.94 -13.28 -17.34
C ASN A 409 -10.96 -13.12 -16.17
N PHE A 410 -9.95 -13.99 -16.13
CA PHE A 410 -8.89 -13.90 -15.13
C PHE A 410 -8.09 -12.60 -15.27
N LEU A 411 -7.70 -12.27 -16.49
CA LEU A 411 -6.98 -11.02 -16.76
C LEU A 411 -7.78 -9.78 -16.37
N MET A 412 -9.09 -9.78 -16.65
CA MET A 412 -9.99 -8.69 -16.26
C MET A 412 -10.04 -8.57 -14.72
N LYS A 413 -10.23 -9.69 -14.04
CA LYS A 413 -10.22 -9.74 -12.57
C LYS A 413 -8.93 -9.10 -12.01
N MET A 414 -7.78 -9.50 -12.56
CA MET A 414 -6.46 -8.93 -12.26
C MET A 414 -6.32 -7.44 -12.58
N ALA A 415 -6.82 -7.01 -13.74
CA ALA A 415 -6.75 -5.61 -14.14
C ALA A 415 -7.63 -4.70 -13.28
N LEU A 416 -8.76 -5.22 -12.81
CA LEU A 416 -9.67 -4.42 -12.01
C LEU A 416 -9.00 -4.07 -10.68
N ASP A 417 -8.09 -4.94 -10.25
CA ASP A 417 -7.29 -4.75 -9.06
C ASP A 417 -6.03 -3.91 -9.36
N LYS A 418 -5.27 -4.31 -10.37
CA LYS A 418 -3.90 -3.82 -10.61
C LYS A 418 -3.80 -2.57 -11.47
N ILE A 419 -4.54 -2.56 -12.58
CA ILE A 419 -4.58 -1.40 -13.47
C ILE A 419 -5.31 -0.21 -12.83
N ALA A 420 -6.52 -0.45 -12.34
CA ALA A 420 -7.32 0.57 -11.65
C ALA A 420 -6.51 1.31 -10.56
N PHE A 421 -5.59 0.59 -9.94
CA PHE A 421 -4.79 1.12 -8.83
C PHE A 421 -3.73 2.14 -9.27
N ILE A 422 -3.22 1.97 -10.49
CA ILE A 422 -2.15 2.83 -11.03
C ILE A 422 -2.46 4.34 -10.92
N PRO A 423 -3.60 4.81 -11.49
CA PRO A 423 -3.87 6.23 -11.32
C PRO A 423 -4.12 6.66 -9.88
N PHE A 424 -4.68 5.76 -9.04
CA PHE A 424 -4.95 6.11 -7.65
C PHE A 424 -3.68 6.25 -6.79
N SER A 425 -2.79 5.25 -6.85
CA SER A 425 -1.53 5.30 -6.12
C SER A 425 -0.59 6.40 -6.60
N TYR A 426 -0.76 6.83 -7.85
CA TYR A 426 -0.04 8.00 -8.37
C TYR A 426 -0.55 9.31 -7.77
N LEU A 427 -1.86 9.38 -7.58
CA LEU A 427 -2.63 10.54 -7.14
C LEU A 427 -2.30 11.03 -5.73
N VAL A 428 -2.32 10.11 -4.77
CA VAL A 428 -2.29 10.43 -3.34
C VAL A 428 -1.14 11.38 -2.97
N ASP A 429 0.08 11.00 -3.32
CA ASP A 429 1.26 11.83 -3.09
C ASP A 429 1.46 12.96 -4.09
N GLN A 430 0.78 12.91 -5.25
CA GLN A 430 0.72 14.11 -6.07
C GLN A 430 -0.01 15.21 -5.30
N TRP A 431 -1.13 14.85 -4.66
CA TRP A 431 -1.88 15.75 -3.79
C TRP A 431 -1.03 16.18 -2.59
N ARG A 432 -0.44 15.19 -1.92
CA ARG A 432 0.35 15.42 -0.71
C ARG A 432 1.64 16.20 -0.89
N TRP A 433 2.34 15.97 -2.00
CA TRP A 433 3.55 16.75 -2.31
C TRP A 433 3.21 18.23 -2.51
N ARG A 434 2.04 18.50 -3.06
CA ARG A 434 1.58 19.86 -3.29
C ARG A 434 0.98 20.51 -2.04
N VAL A 435 0.51 19.68 -1.10
CA VAL A 435 0.12 20.16 0.23
C VAL A 435 1.37 20.54 1.01
N PHE A 436 2.37 19.64 0.97
CA PHE A 436 3.64 19.85 1.66
C PHE A 436 4.45 21.02 1.10
N ASP A 437 4.55 21.13 -0.23
CA ASP A 437 5.30 22.25 -0.84
C ASP A 437 4.57 23.60 -0.75
N GLY A 438 3.35 23.58 -0.21
CA GLY A 438 2.60 24.80 0.09
C GLY A 438 1.70 25.30 -1.02
N SER A 439 1.70 24.62 -2.17
CA SER A 439 0.85 25.04 -3.29
C SER A 439 -0.64 24.68 -3.15
N ILE A 440 -0.95 23.71 -2.28
CA ILE A 440 -2.33 23.40 -1.87
C ILE A 440 -2.51 23.81 -0.41
N THR A 441 -3.41 24.74 -0.14
CA THR A 441 -3.66 25.20 1.24
C THR A 441 -4.91 24.56 1.83
N LYS A 442 -5.14 24.75 3.13
CA LYS A 442 -6.33 24.19 3.80
C LYS A 442 -7.64 24.66 3.17
N GLU A 443 -7.54 25.72 2.38
CA GLU A 443 -8.62 26.26 1.61
C GLU A 443 -8.93 25.38 0.40
N ASN A 444 -7.89 24.77 -0.16
CA ASN A 444 -8.02 23.96 -1.36
C ASN A 444 -7.78 22.46 -1.18
N TYR A 445 -7.64 21.99 0.06
CA TYR A 445 -7.34 20.56 0.31
C TYR A 445 -8.22 19.62 -0.53
N ASN A 446 -9.52 19.74 -0.31
CA ASN A 446 -10.53 18.86 -0.89
C ASN A 446 -10.76 19.06 -2.38
N GLN A 447 -10.95 20.32 -2.77
CA GLN A 447 -11.12 20.70 -4.17
C GLN A 447 -9.95 20.17 -5.03
N GLU A 448 -8.73 20.30 -4.52
CA GLU A 448 -7.53 19.80 -5.22
C GLU A 448 -7.43 18.27 -5.25
N TRP A 449 -7.92 17.62 -4.21
CA TRP A 449 -8.04 16.18 -4.17
C TRP A 449 -8.92 15.67 -5.32
N TRP A 450 -10.14 16.21 -5.43
CA TRP A 450 -11.09 15.81 -6.47
C TRP A 450 -10.69 16.26 -7.86
N SER A 451 -9.94 17.35 -7.94
CA SER A 451 -9.34 17.79 -9.19
C SER A 451 -8.41 16.70 -9.75
N LEU A 452 -7.61 16.09 -8.87
CA LEU A 452 -6.69 15.02 -9.25
C LEU A 452 -7.40 13.68 -9.38
N ARG A 453 -8.43 13.47 -8.56
CA ARG A 453 -9.27 12.27 -8.66
C ARG A 453 -9.94 12.18 -10.04
N LEU A 454 -10.41 13.32 -10.55
CA LEU A 454 -10.91 13.45 -11.91
C LEU A 454 -9.82 13.23 -12.97
N LYS A 455 -8.77 14.03 -12.88
CA LYS A 455 -7.69 14.04 -13.86
C LYS A 455 -7.07 12.65 -14.07
N TYR A 456 -6.73 11.99 -12.98
CA TYR A 456 -5.99 10.74 -13.08
C TYR A 456 -6.90 9.53 -13.20
N GLN A 457 -7.95 9.49 -12.38
CA GLN A 457 -8.80 8.32 -12.25
C GLN A 457 -10.10 8.36 -13.02
N GLY A 458 -10.56 9.55 -13.39
CA GLY A 458 -11.81 9.71 -14.12
C GLY A 458 -13.01 9.40 -13.26
N LEU A 459 -12.95 9.93 -12.05
CA LEU A 459 -13.97 9.72 -11.08
C LEU A 459 -14.50 11.06 -10.65
N CYS A 460 -15.78 11.08 -10.29
CA CYS A 460 -16.41 12.26 -9.71
C CYS A 460 -17.07 11.86 -8.40
N PRO A 461 -17.18 12.81 -7.45
CA PRO A 461 -17.86 12.45 -6.22
C PRO A 461 -19.37 12.33 -6.49
N PRO A 462 -20.00 11.25 -5.98
CA PRO A 462 -21.42 11.06 -6.26
C PRO A 462 -22.30 12.16 -5.64
N VAL A 463 -21.79 12.78 -4.58
CA VAL A 463 -22.47 13.88 -3.91
C VAL A 463 -21.53 15.08 -3.91
N PRO A 464 -22.05 16.28 -4.27
CA PRO A 464 -21.18 17.47 -4.25
C PRO A 464 -20.53 17.69 -2.88
N ARG A 465 -19.30 18.19 -2.88
CA ARG A 465 -18.56 18.37 -1.63
C ARG A 465 -18.85 19.76 -1.07
N THR A 466 -19.03 19.84 0.24
CA THR A 466 -19.34 21.10 0.90
C THR A 466 -18.13 21.58 1.71
N GLN A 467 -18.29 22.68 2.43
CA GLN A 467 -17.22 23.19 3.30
C GLN A 467 -17.08 22.30 4.54
N GLY A 468 -15.83 22.03 4.91
CA GLY A 468 -15.53 21.19 6.07
C GLY A 468 -15.23 19.75 5.71
N ASP A 469 -15.56 19.35 4.48
CA ASP A 469 -15.20 18.03 3.98
C ASP A 469 -13.68 17.92 3.77
N PHE A 470 -13.13 16.79 4.18
CA PHE A 470 -11.72 16.49 3.99
C PHE A 470 -11.60 15.03 3.59
N ASP A 471 -11.92 14.77 2.32
CA ASP A 471 -11.97 13.41 1.79
C ASP A 471 -10.63 12.66 1.84
N PRO A 472 -9.49 13.37 1.69
CA PRO A 472 -8.24 12.64 1.95
C PRO A 472 -8.15 12.03 3.36
N GLY A 473 -8.83 12.63 4.34
CA GLY A 473 -8.80 12.12 5.71
C GLY A 473 -9.52 10.81 5.91
N ALA A 474 -10.39 10.47 4.96
CA ALA A 474 -11.10 9.19 4.98
C ALA A 474 -10.23 8.03 4.48
N LYS A 475 -9.00 8.33 4.07
CA LYS A 475 -8.06 7.33 3.59
C LYS A 475 -6.91 7.16 4.60
N PHE A 476 -6.71 5.93 5.08
CA PHE A 476 -5.74 5.59 6.14
C PHE A 476 -4.42 6.36 6.13
N HIS A 477 -3.70 6.25 5.02
CA HIS A 477 -2.32 6.76 4.91
C HIS A 477 -2.16 8.26 5.15
N ILE A 478 -3.27 8.98 5.17
CA ILE A 478 -3.26 10.44 5.33
C ILE A 478 -3.21 10.88 6.81
N PRO A 479 -4.22 10.48 7.64
CA PRO A 479 -4.08 10.70 9.08
C PRO A 479 -2.97 9.88 9.75
N SER A 480 -2.62 8.73 9.14
CA SER A 480 -1.59 7.83 9.67
C SER A 480 -0.20 8.22 9.23
N SER A 481 -0.15 9.17 8.28
CA SER A 481 1.10 9.77 7.77
C SER A 481 2.08 8.80 7.07
N VAL A 482 1.52 7.84 6.34
CA VAL A 482 2.28 6.84 5.62
C VAL A 482 2.38 7.29 4.16
N PRO A 483 3.60 7.41 3.62
CA PRO A 483 3.74 7.76 2.20
C PRO A 483 3.09 6.73 1.27
N TYR A 484 2.62 7.19 0.13
CA TYR A 484 1.83 6.34 -0.74
C TYR A 484 2.49 5.96 -2.08
N ILE A 485 3.40 6.80 -2.59
CA ILE A 485 4.07 6.52 -3.86
C ILE A 485 4.77 5.15 -3.87
N ARG A 486 5.10 4.64 -2.67
CA ARG A 486 5.65 3.28 -2.48
C ARG A 486 4.80 2.20 -3.17
N TYR A 487 3.48 2.37 -3.13
CA TYR A 487 2.52 1.43 -3.73
C TYR A 487 2.38 1.56 -5.26
N PHE A 488 2.68 2.75 -5.79
CA PHE A 488 2.69 2.95 -7.24
C PHE A 488 3.90 2.29 -7.86
N VAL A 489 5.02 2.41 -7.16
CA VAL A 489 6.29 1.83 -7.58
C VAL A 489 6.14 0.32 -7.53
N SER A 490 5.59 -0.16 -6.41
CA SER A 490 5.38 -1.58 -6.16
C SER A 490 4.56 -2.28 -7.24
N PHE A 491 3.51 -1.64 -7.74
CA PHE A 491 2.60 -2.28 -8.70
C PHE A 491 3.23 -2.41 -10.07
N ILE A 492 4.00 -1.39 -10.46
CA ILE A 492 4.85 -1.45 -11.64
C ILE A 492 5.95 -2.51 -11.52
N ILE A 493 6.76 -2.41 -10.47
CA ILE A 493 7.95 -3.25 -10.35
C ILE A 493 7.67 -4.72 -10.00
N GLN A 494 6.51 -5.02 -9.40
CA GLN A 494 6.13 -6.40 -9.07
C GLN A 494 5.95 -7.26 -10.31
N PHE A 495 5.41 -6.67 -11.37
CA PHE A 495 5.29 -7.33 -12.66
C PHE A 495 6.64 -7.52 -13.34
N GLN A 496 7.58 -6.62 -13.07
CA GLN A 496 8.97 -6.78 -13.52
C GLN A 496 9.64 -7.91 -12.77
N PHE A 497 9.40 -7.97 -11.47
CA PHE A 497 9.92 -9.05 -10.63
C PHE A 497 9.33 -10.38 -11.11
N HIS A 498 8.02 -10.38 -11.30
CA HIS A 498 7.27 -11.54 -11.74
C HIS A 498 7.80 -12.05 -13.08
N GLU A 499 7.91 -11.16 -14.06
CA GLU A 499 8.45 -11.50 -15.37
C GLU A 499 9.84 -12.16 -15.32
N ALA A 500 10.73 -11.57 -14.51
CA ALA A 500 12.11 -12.04 -14.41
C ALA A 500 12.23 -13.34 -13.60
N LEU A 501 11.42 -13.47 -12.56
CA LEU A 501 11.34 -14.68 -11.74
C LEU A 501 10.71 -15.86 -12.48
N CYS A 502 9.77 -15.53 -13.37
CA CYS A 502 9.17 -16.51 -14.25
C CYS A 502 10.17 -17.01 -15.29
N GLN A 503 11.05 -16.13 -15.74
CA GLN A 503 12.11 -16.50 -16.68
C GLN A 503 13.13 -17.40 -16.01
N ALA A 504 13.48 -17.09 -14.77
CA ALA A 504 14.38 -17.92 -13.96
C ALA A 504 13.79 -19.30 -13.68
N ALA A 505 12.47 -19.33 -13.43
CA ALA A 505 11.73 -20.57 -13.19
C ALA A 505 11.53 -21.38 -14.48
N GLY A 506 11.92 -20.79 -15.60
CA GLY A 506 11.79 -21.44 -16.90
C GLY A 506 10.34 -21.50 -17.37
N HIS A 507 9.62 -20.41 -17.21
CA HIS A 507 8.26 -20.32 -17.74
C HIS A 507 8.30 -19.83 -19.19
N THR A 508 7.78 -20.66 -20.08
CA THR A 508 7.57 -20.29 -21.47
C THR A 508 6.10 -20.00 -21.67
N GLY A 509 5.77 -19.28 -22.74
CA GLY A 509 4.39 -18.90 -23.00
C GLY A 509 4.02 -17.63 -22.25
N PRO A 510 2.71 -17.33 -22.17
CA PRO A 510 2.17 -16.07 -21.66
C PRO A 510 2.52 -15.86 -20.19
N LEU A 511 2.85 -14.62 -19.85
CA LEU A 511 3.28 -14.26 -18.49
C LEU A 511 2.17 -14.46 -17.45
N HIS A 512 0.93 -14.18 -17.81
CA HIS A 512 -0.20 -14.32 -16.88
C HIS A 512 -0.50 -15.78 -16.46
N LYS A 513 0.08 -16.72 -17.20
CA LYS A 513 -0.08 -18.15 -16.88
C LYS A 513 1.02 -18.65 -15.94
N CYS A 514 2.01 -17.79 -15.71
CA CYS A 514 3.12 -18.13 -14.83
C CYS A 514 2.71 -18.31 -13.38
N ASP A 515 3.29 -19.34 -12.78
CA ASP A 515 3.10 -19.71 -11.39
C ASP A 515 4.47 -20.14 -10.92
N ILE A 516 5.12 -19.28 -10.14
CA ILE A 516 6.50 -19.50 -9.68
C ILE A 516 6.61 -20.44 -8.49
N TYR A 517 5.50 -21.02 -8.06
CA TYR A 517 5.50 -21.89 -6.90
C TYR A 517 6.61 -22.94 -6.94
N GLN A 518 7.34 -23.02 -5.83
CA GLN A 518 8.39 -24.02 -5.61
C GLN A 518 9.69 -23.77 -6.40
N SER A 519 9.78 -22.61 -7.04
CA SER A 519 11.00 -22.24 -7.78
C SER A 519 12.12 -21.73 -6.88
N LYS A 520 13.21 -22.51 -6.80
CA LYS A 520 14.40 -22.12 -6.04
C LYS A 520 15.24 -21.11 -6.82
N GLU A 521 15.04 -21.08 -8.14
CA GLU A 521 15.64 -20.05 -8.97
C GLU A 521 15.02 -18.68 -8.70
N ALA A 522 13.69 -18.64 -8.64
CA ALA A 522 12.94 -17.43 -8.25
C ALA A 522 13.28 -17.00 -6.82
N GLY A 523 13.28 -17.95 -5.89
CA GLY A 523 13.62 -17.67 -4.51
C GLY A 523 14.98 -17.02 -4.34
N GLN A 524 15.96 -17.47 -5.11
CA GLN A 524 17.35 -17.03 -4.94
C GLN A 524 17.54 -15.55 -5.28
N ARG A 525 16.83 -15.08 -6.30
CA ARG A 525 16.92 -13.68 -6.74
C ARG A 525 16.25 -12.70 -5.78
N LEU A 526 15.19 -13.16 -5.12
CA LEU A 526 14.50 -12.34 -4.13
C LEU A 526 15.34 -12.22 -2.86
N ALA A 527 15.83 -13.36 -2.38
CA ALA A 527 16.66 -13.44 -1.19
C ALA A 527 17.96 -12.64 -1.31
N THR A 528 18.58 -12.67 -2.50
CA THR A 528 19.81 -11.93 -2.75
C THR A 528 19.57 -10.42 -2.73
N ALA A 529 18.45 -9.98 -3.33
CA ALA A 529 18.09 -8.56 -3.28
C ALA A 529 17.70 -8.13 -1.87
N MET A 530 16.87 -8.95 -1.22
CA MET A 530 16.34 -8.61 0.10
C MET A 530 17.42 -8.48 1.18
N LYS A 531 18.49 -9.29 1.05
CA LYS A 531 19.60 -9.34 2.00
C LYS A 531 20.45 -8.08 1.97
N LEU A 532 20.42 -7.36 0.85
CA LEU A 532 21.06 -6.04 0.74
C LEU A 532 20.39 -5.01 1.64
N GLY A 533 19.08 -5.13 1.81
CA GLY A 533 18.31 -4.14 2.54
C GLY A 533 18.53 -2.78 1.92
N PHE A 534 19.03 -1.84 2.73
CA PHE A 534 19.31 -0.47 2.30
C PHE A 534 20.82 -0.19 2.14
N SER A 535 21.63 -1.25 1.96
CA SER A 535 23.10 -1.11 1.88
C SER A 535 23.64 -0.44 0.61
N ARG A 536 22.97 -0.69 -0.51
CA ARG A 536 23.38 -0.18 -1.82
C ARG A 536 22.21 0.56 -2.48
N PRO A 537 22.51 1.48 -3.44
CA PRO A 537 21.46 2.12 -4.24
C PRO A 537 20.55 1.10 -4.92
N TRP A 538 19.26 1.41 -5.03
CA TRP A 538 18.26 0.42 -5.45
C TRP A 538 18.43 -0.20 -6.86
N PRO A 539 18.95 0.56 -7.85
CA PRO A 539 19.14 -0.06 -9.16
C PRO A 539 19.99 -1.34 -9.14
N GLU A 540 20.81 -1.51 -8.10
CA GLU A 540 21.58 -2.74 -7.90
C GLU A 540 20.65 -3.91 -7.58
N ALA A 541 19.79 -3.75 -6.58
CA ALA A 541 18.80 -4.76 -6.23
C ALA A 541 17.87 -5.05 -7.42
N MET A 542 17.48 -4.00 -8.13
CA MET A 542 16.70 -4.12 -9.36
C MET A 542 17.41 -4.94 -10.43
N GLN A 543 18.70 -4.68 -10.60
CA GLN A 543 19.53 -5.45 -11.53
C GLN A 543 19.62 -6.90 -11.10
N LEU A 544 19.78 -7.13 -9.79
CA LEU A 544 19.92 -8.48 -9.24
C LEU A 544 18.70 -9.37 -9.47
N ILE A 545 17.50 -8.78 -9.46
CA ILE A 545 16.27 -9.52 -9.70
C ILE A 545 15.98 -9.68 -11.20
N THR A 546 16.16 -8.59 -11.94
CA THR A 546 15.62 -8.45 -13.30
C THR A 546 16.64 -8.31 -14.43
N GLY A 547 17.92 -8.34 -14.07
CA GLY A 547 18.99 -8.24 -15.05
C GLY A 547 19.14 -6.84 -15.62
N GLN A 548 18.37 -5.90 -15.08
CA GLN A 548 18.52 -4.51 -15.46
C GLN A 548 18.16 -3.54 -14.34
N PRO A 549 18.48 -2.28 -14.51
CA PRO A 549 18.55 -1.36 -13.39
C PRO A 549 17.34 -0.44 -13.22
N ASN A 550 16.47 -0.36 -14.23
CA ASN A 550 15.46 0.69 -14.30
C ASN A 550 14.07 0.19 -13.94
N MET A 551 13.20 1.10 -13.52
CA MET A 551 11.78 0.81 -13.40
C MET A 551 11.13 0.87 -14.78
N SER A 552 10.38 -0.16 -15.14
CA SER A 552 9.66 -0.16 -16.41
C SER A 552 8.27 -0.78 -16.29
N ALA A 553 7.30 -0.20 -17.00
CA ALA A 553 5.94 -0.74 -17.06
C ALA A 553 5.77 -1.83 -18.13
N SER A 554 6.83 -2.14 -18.88
CA SER A 554 6.71 -3.09 -20.00
C SER A 554 6.31 -4.50 -19.57
N ALA A 555 6.83 -4.96 -18.44
CA ALA A 555 6.45 -6.24 -17.85
C ALA A 555 4.96 -6.31 -17.44
N MET A 556 4.43 -5.18 -16.98
CA MET A 556 3.02 -5.07 -16.64
C MET A 556 2.16 -5.06 -17.89
N LEU A 557 2.64 -4.40 -18.94
CA LEU A 557 1.93 -4.27 -20.20
C LEU A 557 1.85 -5.59 -20.96
N SER A 558 2.94 -6.34 -20.89
CA SER A 558 3.06 -7.69 -21.43
C SER A 558 2.07 -8.68 -20.79
N TYR A 559 2.00 -8.63 -19.45
CA TYR A 559 1.06 -9.41 -18.65
C TYR A 559 -0.40 -9.19 -19.06
N PHE A 560 -0.77 -7.93 -19.28
CA PHE A 560 -2.12 -7.56 -19.67
C PHE A 560 -2.35 -7.40 -21.16
N LYS A 561 -1.30 -7.60 -21.97
CA LYS A 561 -1.39 -7.41 -23.44
C LYS A 561 -2.64 -8.08 -24.09
N PRO A 562 -2.92 -9.37 -23.77
CA PRO A 562 -4.16 -9.98 -24.28
C PRO A 562 -5.46 -9.30 -23.82
N LEU A 563 -5.44 -8.63 -22.67
CA LEU A 563 -6.60 -7.87 -22.19
C LEU A 563 -6.71 -6.53 -22.93
N LEU A 564 -5.58 -5.85 -23.13
CA LEU A 564 -5.55 -4.60 -23.88
C LEU A 564 -6.14 -4.76 -25.29
N ASP A 565 -5.84 -5.89 -25.93
CA ASP A 565 -6.37 -6.20 -27.26
C ASP A 565 -7.86 -6.46 -27.19
N TRP A 566 -8.30 -7.21 -26.18
CA TRP A 566 -9.71 -7.50 -26.03
C TRP A 566 -10.49 -6.23 -25.68
N LEU A 567 -9.94 -5.40 -24.78
CA LEU A 567 -10.56 -4.12 -24.39
C LEU A 567 -10.71 -3.14 -25.56
N ARG A 568 -9.67 -3.04 -26.39
CA ARG A 568 -9.70 -2.18 -27.55
C ARG A 568 -10.76 -2.60 -28.57
N THR A 569 -10.84 -3.90 -28.84
CA THR A 569 -11.84 -4.45 -29.77
C THR A 569 -13.24 -4.20 -29.21
N GLU A 570 -13.43 -4.56 -27.95
CA GLU A 570 -14.71 -4.43 -27.25
C GLU A 570 -15.19 -2.98 -27.10
N ASN A 571 -14.27 -2.07 -26.79
CA ASN A 571 -14.62 -0.65 -26.71
C ASN A 571 -14.93 -0.02 -28.06
N GLU A 572 -14.09 -0.35 -29.05
CA GLU A 572 -14.27 0.11 -30.44
C GLU A 572 -15.62 -0.35 -31.03
N LEU A 573 -16.08 -1.56 -30.67
CA LEU A 573 -17.38 -2.06 -31.15
C LEU A 573 -18.55 -1.45 -30.40
N HIS A 574 -18.30 -0.90 -29.22
CA HIS A 574 -19.32 -0.16 -28.48
C HIS A 574 -19.25 1.34 -28.71
N GLY A 575 -18.22 1.77 -29.41
CA GLY A 575 -18.02 3.16 -29.79
C GLY A 575 -17.73 4.06 -28.61
N GLU A 576 -16.88 3.59 -27.71
CA GLU A 576 -16.55 4.31 -26.48
C GLU A 576 -15.55 5.43 -26.71
N LYS A 577 -15.89 6.63 -26.24
CA LYS A 577 -14.92 7.72 -26.10
C LYS A 577 -14.04 7.39 -24.91
N LEU A 578 -12.74 7.21 -25.18
CA LEU A 578 -11.77 6.90 -24.13
C LEU A 578 -11.50 8.15 -23.31
N GLY A 579 -11.70 8.06 -22.01
CA GLY A 579 -11.47 9.19 -21.15
C GLY A 579 -12.76 9.91 -20.80
N TRP A 580 -12.62 11.14 -20.32
CA TRP A 580 -13.76 11.89 -19.82
C TRP A 580 -13.70 13.33 -20.32
N PRO A 581 -13.91 13.53 -21.65
CA PRO A 581 -13.85 14.86 -22.27
C PRO A 581 -14.84 15.83 -21.61
N GLN A 582 -15.98 15.27 -21.20
CA GLN A 582 -16.91 15.94 -20.30
C GLN A 582 -16.53 15.73 -18.85
N TYR A 583 -15.41 16.32 -18.46
CA TYR A 583 -14.87 16.09 -17.12
C TYR A 583 -15.72 16.72 -16.00
N ASN A 584 -16.34 17.85 -16.29
CA ASN A 584 -17.13 18.60 -15.30
C ASN A 584 -18.43 17.94 -14.86
N TRP A 585 -18.81 16.85 -15.53
CA TRP A 585 -20.03 16.15 -15.19
C TRP A 585 -20.00 15.62 -13.76
N THR A 586 -21.09 15.84 -13.04
CA THR A 586 -21.29 15.29 -11.69
C THR A 586 -22.70 14.71 -11.60
N PRO A 587 -22.83 13.50 -11.00
CA PRO A 587 -24.13 12.84 -10.88
C PRO A 587 -25.03 13.49 -9.82
#